data_2NBC
#
_entry.id   2NBC
#
_entity_poly.entity_id   1
_entity_poly.type   'polypeptide(L)'
_entity_poly.pdbx_seq_one_letter_code
;WCASGCRKKRHGGCSC(NH2)
;
_entity_poly.pdbx_strand_id   A
#
loop_
_chem_comp.id
_chem_comp.type
_chem_comp.name
_chem_comp.formula
NH2 non-polymer 'AMINO GROUP' 'H2 N'
#
# COMPACT_ATOMS: atom_id res chain seq x y z
N TRP A 1 7.02 0.57 0.95
CA TRP A 1 6.72 1.62 -0.01
C TRP A 1 5.60 1.20 -0.96
N CYS A 2 4.63 2.07 -1.14
CA CYS A 2 3.49 1.79 -2.02
C CYS A 2 3.30 2.92 -3.03
N ALA A 3 2.49 2.65 -4.05
CA ALA A 3 2.22 3.64 -5.09
C ALA A 3 1.62 4.90 -4.49
N SER A 4 2.08 6.06 -4.97
CA SER A 4 1.60 7.34 -4.48
C SER A 4 1.71 7.42 -2.96
N GLY A 5 2.71 6.76 -2.41
CA GLY A 5 2.91 6.77 -0.97
C GLY A 5 1.74 6.16 -0.23
N CYS A 6 0.97 5.32 -0.92
CA CYS A 6 -0.18 4.67 -0.31
C CYS A 6 0.21 3.90 0.94
N ARG A 7 -0.77 3.32 1.62
CA ARG A 7 -0.52 2.54 2.83
C ARG A 7 -0.42 1.06 2.51
N LYS A 8 0.48 0.37 3.20
CA LYS A 8 0.68 -1.06 3.00
C LYS A 8 -0.36 -1.86 3.77
N LYS A 9 -0.66 -3.07 3.28
CA LYS A 9 -1.63 -3.93 3.92
C LYS A 9 -1.06 -5.33 4.14
N ARG A 10 -1.70 -6.10 5.00
CA ARG A 10 -1.26 -7.46 5.30
C ARG A 10 -1.16 -8.28 4.02
N HIS A 11 -2.14 -8.13 3.14
CA HIS A 11 -2.16 -8.85 1.88
C HIS A 11 -0.95 -8.51 1.02
N GLY A 12 -0.34 -7.36 1.31
CA GLY A 12 0.82 -6.93 0.55
C GLY A 12 0.50 -5.81 -0.42
N GLY A 13 -0.78 -5.64 -0.72
CA GLY A 13 -1.19 -4.60 -1.64
C GLY A 13 -1.08 -3.21 -1.04
N CYS A 14 -1.65 -2.22 -1.71
CA CYS A 14 -1.61 -0.84 -1.24
C CYS A 14 -3.00 -0.23 -1.22
N SER A 15 -3.30 0.51 -0.15
CA SER A 15 -4.60 1.15 0.00
C SER A 15 -4.55 2.60 -0.49
N CYS A 16 -5.40 2.92 -1.46
CA CYS A 16 -5.46 4.27 -2.01
C CYS A 16 -6.88 4.80 -1.99
N NH2 A 17 -7.03 6.08 -2.32
HN1 NH2 A 17 -7.93 6.52 -2.34
HN2 NH2 A 17 -6.24 6.60 -2.57
N TRP A 1 7.19 0.73 1.35
CA TRP A 1 6.86 1.71 0.31
C TRP A 1 5.70 1.21 -0.55
N CYS A 2 4.80 2.12 -0.91
CA CYS A 2 3.65 1.77 -1.73
C CYS A 2 3.49 2.76 -2.89
N ALA A 3 2.52 2.49 -3.76
CA ALA A 3 2.26 3.36 -4.90
C ALA A 3 1.65 4.67 -4.47
N SER A 4 2.18 5.78 -4.99
CA SER A 4 1.67 7.10 -4.65
C SER A 4 1.70 7.32 -3.14
N GLY A 5 2.61 6.63 -2.46
CA GLY A 5 2.72 6.76 -1.02
C GLY A 5 1.50 6.23 -0.30
N CYS A 6 0.89 5.20 -0.86
CA CYS A 6 -0.30 4.59 -0.26
C CYS A 6 0.06 3.87 1.02
N ARG A 7 -0.97 3.32 1.69
CA ARG A 7 -0.75 2.60 2.94
C ARG A 7 -0.54 1.11 2.68
N LYS A 8 0.45 0.53 3.35
CA LYS A 8 0.75 -0.88 3.19
C LYS A 8 -0.31 -1.74 3.88
N LYS A 9 -0.50 -2.96 3.36
CA LYS A 9 -1.48 -3.88 3.91
C LYS A 9 -0.89 -5.29 4.04
N ARG A 10 -1.41 -6.06 5.00
CA ARG A 10 -0.93 -7.42 5.21
C ARG A 10 -1.04 -8.24 3.93
N HIS A 11 -2.07 -7.96 3.13
CA HIS A 11 -2.28 -8.67 1.88
C HIS A 11 -1.13 -8.42 0.91
N GLY A 12 -0.39 -7.35 1.14
CA GLY A 12 0.74 -7.02 0.28
C GLY A 12 0.44 -5.86 -0.65
N GLY A 13 -0.85 -5.56 -0.81
CA GLY A 13 -1.24 -4.47 -1.69
C GLY A 13 -1.05 -3.11 -1.04
N CYS A 14 -1.61 -2.07 -1.65
CA CYS A 14 -1.50 -0.72 -1.13
C CYS A 14 -2.85 -0.02 -1.12
N SER A 15 -3.33 0.34 0.06
CA SER A 15 -4.61 1.01 0.20
C SER A 15 -4.57 2.41 -0.43
N CYS A 16 -5.44 2.63 -1.42
CA CYS A 16 -5.50 3.91 -2.10
C CYS A 16 -6.94 4.38 -2.25
N NH2 A 17 -7.13 5.69 -2.38
HN1 NH2 A 17 -8.05 6.08 -2.48
HN2 NH2 A 17 -6.35 6.28 -2.36
N TRP A 1 7.02 1.10 1.54
CA TRP A 1 6.71 2.09 0.52
C TRP A 1 5.74 1.54 -0.51
N CYS A 2 4.81 2.38 -0.97
CA CYS A 2 3.82 1.97 -1.95
C CYS A 2 3.60 3.07 -2.98
N ALA A 3 2.81 2.77 -4.01
CA ALA A 3 2.51 3.73 -5.06
C ALA A 3 1.70 4.90 -4.51
N SER A 4 1.99 6.10 -5.00
CA SER A 4 1.30 7.31 -4.56
C SER A 4 1.34 7.43 -3.04
N GLY A 5 2.44 6.96 -2.45
CA GLY A 5 2.58 7.02 -1.01
C GLY A 5 1.48 6.27 -0.28
N CYS A 6 0.87 5.31 -0.96
CA CYS A 6 -0.21 4.52 -0.37
C CYS A 6 0.25 3.84 0.92
N ARG A 7 -0.67 3.15 1.58
CA ARG A 7 -0.35 2.46 2.82
C ARG A 7 -0.40 0.94 2.63
N LYS A 8 0.75 0.30 2.84
CA LYS A 8 0.84 -1.15 2.69
C LYS A 8 -0.22 -1.85 3.53
N LYS A 9 -0.59 -3.07 3.11
CA LYS A 9 -1.59 -3.85 3.84
C LYS A 9 -1.10 -5.27 4.09
N ARG A 10 -1.77 -5.97 5.00
CA ARG A 10 -1.39 -7.33 5.34
C ARG A 10 -1.37 -8.21 4.10
N HIS A 11 -2.32 -7.98 3.19
CA HIS A 11 -2.41 -8.74 1.95
C HIS A 11 -1.19 -8.50 1.07
N GLY A 12 -0.50 -7.39 1.32
CA GLY A 12 0.67 -7.05 0.53
C GLY A 12 0.41 -5.93 -0.45
N GLY A 13 -0.86 -5.68 -0.73
CA GLY A 13 -1.22 -4.63 -1.66
C GLY A 13 -0.99 -3.25 -1.09
N CYS A 14 -1.52 -2.23 -1.77
CA CYS A 14 -1.38 -0.85 -1.32
C CYS A 14 -2.73 -0.17 -1.16
N SER A 15 -3.04 0.22 0.06
CA SER A 15 -4.32 0.87 0.35
C SER A 15 -4.34 2.30 -0.20
N CYS A 16 -5.31 2.59 -1.06
CA CYS A 16 -5.44 3.90 -1.66
C CYS A 16 -6.86 4.43 -1.51
N NH2 A 17 -7.03 5.74 -1.70
HN1 NH2 A 17 -7.94 6.16 -1.63
HN2 NH2 A 17 -6.25 6.29 -1.91
N TRP A 1 6.86 0.12 0.83
CA TRP A 1 6.70 1.13 -0.21
C TRP A 1 5.46 0.82 -1.07
N CYS A 2 4.66 1.85 -1.33
CA CYS A 2 3.45 1.69 -2.14
C CYS A 2 3.30 2.85 -3.12
N ALA A 3 2.47 2.65 -4.14
CA ALA A 3 2.24 3.67 -5.15
C ALA A 3 1.67 4.94 -4.52
N SER A 4 2.12 6.09 -5.00
CA SER A 4 1.66 7.38 -4.49
C SER A 4 1.80 7.43 -2.97
N GLY A 5 2.82 6.77 -2.46
CA GLY A 5 3.05 6.75 -1.02
C GLY A 5 1.88 6.19 -0.26
N CYS A 6 1.05 5.41 -0.94
CA CYS A 6 -0.12 4.81 -0.31
C CYS A 6 0.27 3.98 0.92
N ARG A 7 -0.73 3.44 1.60
CA ARG A 7 -0.48 2.63 2.80
C ARG A 7 -0.39 1.16 2.44
N LYS A 8 0.40 0.41 3.20
CA LYS A 8 0.57 -1.02 2.97
C LYS A 8 -0.52 -1.82 3.68
N LYS A 9 -0.74 -3.04 3.22
CA LYS A 9 -1.75 -3.91 3.80
C LYS A 9 -1.19 -5.30 4.08
N ARG A 10 -1.90 -6.07 4.88
CA ARG A 10 -1.46 -7.43 5.21
C ARG A 10 -1.26 -8.25 3.96
N HIS A 11 -2.18 -8.14 3.02
CA HIS A 11 -2.09 -8.88 1.75
C HIS A 11 -0.83 -8.49 0.98
N GLY A 12 -0.28 -7.34 1.32
CA GLY A 12 0.92 -6.86 0.65
C GLY A 12 0.63 -5.73 -0.33
N GLY A 13 -0.63 -5.60 -0.72
CA GLY A 13 -1.01 -4.56 -1.65
C GLY A 13 -0.99 -3.18 -1.01
N CYS A 14 -1.55 -2.20 -1.72
CA CYS A 14 -1.60 -0.82 -1.22
C CYS A 14 -3.04 -0.35 -1.07
N SER A 15 -3.35 0.26 0.07
CA SER A 15 -4.69 0.77 0.33
C SER A 15 -4.81 2.22 -0.12
N CYS A 16 -5.18 2.42 -1.38
CA CYS A 16 -5.33 3.75 -1.93
C CYS A 16 -6.81 4.15 -1.99
N NH2 A 17 -7.06 5.43 -2.23
HN1 NH2 A 17 -8.00 5.78 -2.28
HN2 NH2 A 17 -6.31 6.05 -2.36
N TRP A 1 7.16 0.32 0.78
CA TRP A 1 6.84 1.38 -0.17
C TRP A 1 5.64 1.01 -1.02
N CYS A 2 4.76 1.98 -1.25
CA CYS A 2 3.56 1.76 -2.05
C CYS A 2 3.37 2.88 -3.06
N ALA A 3 2.52 2.63 -4.05
CA ALA A 3 2.25 3.62 -5.09
C ALA A 3 1.59 4.86 -4.50
N SER A 4 1.98 6.02 -5.02
CA SER A 4 1.43 7.29 -4.54
C SER A 4 1.58 7.40 -3.02
N GLY A 5 2.63 6.80 -2.48
CA GLY A 5 2.87 6.86 -1.06
C GLY A 5 1.73 6.23 -0.26
N CYS A 6 0.93 5.40 -0.93
CA CYS A 6 -0.20 4.74 -0.28
C CYS A 6 0.27 3.95 0.94
N ARG A 7 -0.68 3.36 1.65
CA ARG A 7 -0.38 2.58 2.84
C ARG A 7 -0.30 1.09 2.50
N LYS A 8 0.53 0.36 3.23
CA LYS A 8 0.69 -1.07 3.01
C LYS A 8 -0.39 -1.86 3.74
N LYS A 9 -0.74 -3.02 3.20
CA LYS A 9 -1.76 -3.87 3.79
C LYS A 9 -1.22 -5.27 4.05
N ARG A 10 -1.93 -6.04 4.88
CA ARG A 10 -1.51 -7.38 5.21
C ARG A 10 -1.35 -8.23 3.95
N HIS A 11 -2.28 -8.08 3.01
CA HIS A 11 -2.22 -8.82 1.76
C HIS A 11 -0.96 -8.48 0.97
N GLY A 12 -0.35 -7.34 1.31
CA GLY A 12 0.86 -6.92 0.62
C GLY A 12 0.61 -5.78 -0.36
N GLY A 13 -0.66 -5.59 -0.72
CA GLY A 13 -1.01 -4.53 -1.65
C GLY A 13 -0.93 -3.16 -1.01
N CYS A 14 -1.46 -2.16 -1.71
CA CYS A 14 -1.44 -0.79 -1.21
C CYS A 14 -2.86 -0.22 -1.12
N SER A 15 -3.24 0.23 0.06
CA SER A 15 -4.57 0.80 0.29
C SER A 15 -4.64 2.24 -0.21
N CYS A 16 -5.34 2.45 -1.32
CA CYS A 16 -5.49 3.78 -1.88
C CYS A 16 -6.96 4.19 -1.95
N NH2 A 17 -7.20 5.42 -2.40
HN1 NH2 A 17 -8.13 5.78 -2.46
HN2 NH2 A 17 -6.45 5.99 -2.66
N TRP A 1 7.46 0.96 0.56
CA TRP A 1 6.92 2.06 -0.25
C TRP A 1 5.81 1.57 -1.16
N CYS A 2 4.68 2.27 -1.14
CA CYS A 2 3.54 1.91 -1.98
C CYS A 2 3.26 2.99 -3.01
N ALA A 3 2.49 2.65 -4.03
CA ALA A 3 2.14 3.59 -5.09
C ALA A 3 1.49 4.84 -4.51
N SER A 4 1.88 6.01 -5.03
CA SER A 4 1.35 7.28 -4.56
C SER A 4 1.50 7.40 -3.05
N GLY A 5 2.58 6.83 -2.53
CA GLY A 5 2.82 6.90 -1.10
C GLY A 5 1.73 6.24 -0.29
N CYS A 6 0.94 5.38 -0.94
CA CYS A 6 -0.15 4.70 -0.27
C CYS A 6 0.34 3.90 0.93
N ARG A 7 -0.58 3.29 1.66
CA ARG A 7 -0.23 2.49 2.84
C ARG A 7 -0.21 1.01 2.50
N LYS A 8 0.64 0.26 3.19
CA LYS A 8 0.75 -1.18 2.98
C LYS A 8 -0.34 -1.93 3.73
N LYS A 9 -0.75 -3.07 3.18
CA LYS A 9 -1.79 -3.88 3.79
C LYS A 9 -1.29 -5.29 4.08
N ARG A 10 -2.04 -6.05 4.87
CA ARG A 10 -1.67 -7.41 5.21
C ARG A 10 -1.44 -8.25 3.95
N HIS A 11 -2.34 -8.11 2.99
CA HIS A 11 -2.24 -8.85 1.74
C HIS A 11 -0.97 -8.48 0.99
N GLY A 12 -0.39 -7.34 1.35
CA GLY A 12 0.83 -6.90 0.70
C GLY A 12 0.58 -5.76 -0.29
N GLY A 13 -0.67 -5.59 -0.70
CA GLY A 13 -1.01 -4.54 -1.62
C GLY A 13 -0.90 -3.16 -1.01
N CYS A 14 -1.43 -2.16 -1.71
CA CYS A 14 -1.38 -0.78 -1.23
C CYS A 14 -2.78 -0.18 -1.16
N SER A 15 -3.18 0.25 0.04
CA SER A 15 -4.49 0.84 0.24
C SER A 15 -4.51 2.30 -0.21
N CYS A 16 -5.53 2.65 -0.99
CA CYS A 16 -5.66 4.02 -1.50
C CYS A 16 -7.11 4.49 -1.38
N NH2 A 17 -7.32 5.78 -1.60
HN1 NH2 A 17 -8.23 6.19 -1.56
HN2 NH2 A 17 -6.56 6.36 -1.84
N TRP A 1 7.19 0.56 0.76
CA TRP A 1 6.78 1.70 -0.07
C TRP A 1 5.68 1.29 -1.04
N CYS A 2 4.62 2.09 -1.09
CA CYS A 2 3.49 1.81 -1.97
C CYS A 2 3.32 2.94 -2.99
N ALA A 3 2.54 2.66 -4.03
CA ALA A 3 2.29 3.66 -5.07
C ALA A 3 1.64 4.91 -4.50
N SER A 4 2.02 6.07 -5.02
CA SER A 4 1.48 7.34 -4.55
C SER A 4 1.59 7.46 -3.04
N GLY A 5 2.65 6.87 -2.48
CA GLY A 5 2.87 6.93 -1.04
C GLY A 5 1.72 6.31 -0.27
N CYS A 6 0.95 5.44 -0.93
CA CYS A 6 -0.17 4.78 -0.30
C CYS A 6 0.27 3.98 0.92
N ARG A 7 -0.69 3.38 1.62
CA ARG A 7 -0.39 2.59 2.80
C ARG A 7 -0.30 1.11 2.46
N LYS A 8 0.47 0.37 3.24
CA LYS A 8 0.65 -1.06 3.02
C LYS A 8 -0.45 -1.86 3.71
N LYS A 9 -0.66 -3.09 3.25
CA LYS A 9 -1.68 -3.96 3.81
C LYS A 9 -1.12 -5.36 4.07
N ARG A 10 -1.79 -6.10 4.95
CA ARG A 10 -1.36 -7.45 5.28
C ARG A 10 -1.27 -8.32 4.03
N HIS A 11 -2.19 -8.09 3.10
CA HIS A 11 -2.23 -8.85 1.85
C HIS A 11 -1.00 -8.54 1.00
N GLY A 12 -0.34 -7.42 1.29
CA GLY A 12 0.84 -7.04 0.55
C GLY A 12 0.57 -5.90 -0.43
N GLY A 13 -0.71 -5.68 -0.73
CA GLY A 13 -1.07 -4.62 -1.65
C GLY A 13 -0.99 -3.25 -1.01
N CYS A 14 -1.55 -2.25 -1.70
CA CYS A 14 -1.53 -0.88 -1.19
C CYS A 14 -2.95 -0.33 -1.07
N SER A 15 -3.17 0.53 -0.08
CA SER A 15 -4.48 1.12 0.15
C SER A 15 -4.51 2.58 -0.33
N CYS A 16 -5.38 2.86 -1.30
CA CYS A 16 -5.51 4.19 -1.84
C CYS A 16 -6.96 4.67 -1.79
N NH2 A 17 -7.14 5.98 -1.65
HN1 NH2 A 17 -8.06 6.38 -1.60
HN2 NH2 A 17 -6.36 6.57 -1.58
N TRP A 1 6.95 0.83 1.34
CA TRP A 1 6.66 1.85 0.32
C TRP A 1 5.60 1.35 -0.65
N CYS A 2 4.65 2.24 -0.97
CA CYS A 2 3.57 1.90 -1.89
C CYS A 2 3.39 2.99 -2.94
N ALA A 3 2.61 2.68 -3.98
CA ALA A 3 2.35 3.63 -5.04
C ALA A 3 1.65 4.88 -4.51
N SER A 4 2.02 6.04 -5.05
CA SER A 4 1.43 7.30 -4.61
C SER A 4 1.54 7.47 -3.10
N GLY A 5 2.60 6.92 -2.52
CA GLY A 5 2.80 7.02 -1.09
C GLY A 5 1.67 6.37 -0.31
N CYS A 6 0.92 5.49 -0.97
CA CYS A 6 -0.19 4.80 -0.33
C CYS A 6 0.28 4.02 0.89
N ARG A 7 -0.66 3.40 1.59
CA ARG A 7 -0.35 2.62 2.78
C ARG A 7 -0.23 1.14 2.45
N LYS A 8 0.52 0.40 3.27
CA LYS A 8 0.70 -1.02 3.07
C LYS A 8 -0.43 -1.82 3.71
N LYS A 9 -0.62 -3.05 3.25
CA LYS A 9 -1.66 -3.92 3.79
C LYS A 9 -1.13 -5.33 4.04
N ARG A 10 -1.81 -6.06 4.92
CA ARG A 10 -1.40 -7.42 5.24
C ARG A 10 -1.33 -8.28 3.98
N HIS A 11 -2.30 -8.10 3.08
CA HIS A 11 -2.33 -8.86 1.83
C HIS A 11 -1.11 -8.57 0.99
N GLY A 12 -0.42 -7.47 1.28
CA GLY A 12 0.76 -7.10 0.54
C GLY A 12 0.52 -5.96 -0.43
N GLY A 13 -0.76 -5.71 -0.73
CA GLY A 13 -1.10 -4.63 -1.65
C GLY A 13 -0.97 -3.27 -1.00
N CYS A 14 -1.50 -2.25 -1.68
CA CYS A 14 -1.44 -0.89 -1.17
C CYS A 14 -2.84 -0.29 -1.06
N SER A 15 -3.17 0.22 0.13
CA SER A 15 -4.47 0.82 0.37
C SER A 15 -4.51 2.25 -0.12
N CYS A 16 -5.41 2.54 -1.06
CA CYS A 16 -5.54 3.88 -1.61
C CYS A 16 -7.00 4.37 -1.51
N NH2 A 17 -7.25 5.56 -2.04
HN1 NH2 A 17 -8.17 5.96 -2.01
HN2 NH2 A 17 -6.52 6.07 -2.45
N TRP A 1 6.58 0.92 1.72
CA TRP A 1 6.28 1.96 0.73
C TRP A 1 5.34 1.44 -0.34
N CYS A 2 4.45 2.31 -0.80
CA CYS A 2 3.48 1.93 -1.83
C CYS A 2 3.33 3.04 -2.86
N ALA A 3 2.71 2.72 -3.99
CA ALA A 3 2.50 3.69 -5.06
C ALA A 3 1.78 4.92 -4.54
N SER A 4 2.21 6.09 -5.01
CA SER A 4 1.61 7.35 -4.59
C SER A 4 1.65 7.50 -3.07
N GLY A 5 2.69 6.95 -2.46
CA GLY A 5 2.83 7.03 -1.02
C GLY A 5 1.70 6.34 -0.28
N CYS A 6 1.00 5.45 -0.99
CA CYS A 6 -0.13 4.73 -0.39
C CYS A 6 0.32 3.95 0.85
N ARG A 7 -0.63 3.30 1.50
CA ARG A 7 -0.34 2.53 2.71
C ARG A 7 -0.28 1.04 2.39
N LYS A 8 0.59 0.32 3.10
CA LYS A 8 0.74 -1.12 2.89
C LYS A 8 -0.33 -1.89 3.67
N LYS A 9 -0.62 -3.10 3.19
CA LYS A 9 -1.62 -3.95 3.84
C LYS A 9 -1.06 -5.35 4.10
N ARG A 10 -1.70 -6.08 5.00
CA ARG A 10 -1.26 -7.42 5.35
C ARG A 10 -1.22 -8.31 4.11
N HIS A 11 -2.16 -8.09 3.19
CA HIS A 11 -2.22 -8.86 1.96
C HIS A 11 -1.04 -8.55 1.05
N GLY A 12 -0.39 -7.41 1.30
CA GLY A 12 0.74 -7.01 0.50
C GLY A 12 0.40 -5.89 -0.47
N GLY A 13 -0.89 -5.70 -0.72
CA GLY A 13 -1.32 -4.65 -1.63
C GLY A 13 -1.12 -3.26 -1.05
N CYS A 14 -1.71 -2.26 -1.71
CA CYS A 14 -1.58 -0.88 -1.26
C CYS A 14 -2.95 -0.22 -1.15
N SER A 15 -3.31 0.19 0.06
CA SER A 15 -4.59 0.83 0.32
C SER A 15 -4.62 2.23 -0.28
N CYS A 16 -5.27 2.37 -1.44
CA CYS A 16 -5.37 3.65 -2.12
C CYS A 16 -6.83 4.06 -2.30
N NH2 A 17 -7.06 5.36 -2.45
HN1 NH2 A 17 -7.98 5.72 -2.57
HN2 NH2 A 17 -6.30 5.98 -2.45
N TRP A 1 7.12 0.85 1.11
CA TRP A 1 6.75 1.93 0.21
C TRP A 1 5.68 1.47 -0.79
N CYS A 2 4.63 2.26 -0.93
CA CYS A 2 3.54 1.94 -1.84
C CYS A 2 3.37 3.03 -2.89
N ALA A 3 2.65 2.71 -3.95
CA ALA A 3 2.41 3.67 -5.04
C ALA A 3 1.71 4.92 -4.50
N SER A 4 2.12 6.07 -5.02
CA SER A 4 1.53 7.34 -4.60
C SER A 4 1.60 7.50 -3.08
N GLY A 5 2.64 6.93 -2.48
CA GLY A 5 2.81 7.01 -1.05
C GLY A 5 1.67 6.37 -0.30
N CYS A 6 0.92 5.50 -0.98
CA CYS A 6 -0.21 4.81 -0.36
C CYS A 6 0.23 4.04 0.87
N ARG A 7 -0.73 3.42 1.55
CA ARG A 7 -0.45 2.66 2.75
C ARG A 7 -0.27 1.18 2.43
N LYS A 8 0.43 0.46 3.31
CA LYS A 8 0.66 -0.97 3.11
C LYS A 8 -0.43 -1.79 3.76
N LYS A 9 -0.58 -3.03 3.30
CA LYS A 9 -1.60 -3.93 3.84
C LYS A 9 -1.03 -5.33 4.04
N ARG A 10 -1.57 -6.05 5.01
CA ARG A 10 -1.12 -7.41 5.31
C ARG A 10 -1.24 -8.30 4.08
N HIS A 11 -2.17 -7.95 3.18
CA HIS A 11 -2.39 -8.72 1.97
C HIS A 11 -1.21 -8.56 1.01
N GLY A 12 -0.42 -7.51 1.22
CA GLY A 12 0.73 -7.27 0.37
C GLY A 12 0.49 -6.12 -0.59
N GLY A 13 -0.77 -5.76 -0.78
CA GLY A 13 -1.09 -4.67 -1.69
C GLY A 13 -0.98 -3.31 -1.03
N CYS A 14 -1.50 -2.28 -1.69
CA CYS A 14 -1.45 -0.92 -1.16
C CYS A 14 -2.85 -0.34 -1.04
N SER A 15 -3.14 0.26 0.11
CA SER A 15 -4.45 0.86 0.34
C SER A 15 -4.54 2.24 -0.29
N CYS A 16 -5.16 2.31 -1.46
CA CYS A 16 -5.31 3.57 -2.19
C CYS A 16 -6.78 3.89 -2.41
N NH2 A 17 -7.11 5.18 -2.39
HN1 NH2 A 17 -8.05 5.48 -2.54
HN2 NH2 A 17 -6.41 5.85 -2.25
N TRP A 1 7.04 0.11 0.61
CA TRP A 1 6.77 1.19 -0.34
C TRP A 1 5.54 0.87 -1.18
N CYS A 2 4.67 1.86 -1.35
CA CYS A 2 3.45 1.70 -2.13
C CYS A 2 3.28 2.85 -3.12
N ALA A 3 2.44 2.64 -4.14
CA ALA A 3 2.19 3.65 -5.14
C ALA A 3 1.58 4.91 -4.52
N SER A 4 2.01 6.07 -5.00
CA SER A 4 1.51 7.34 -4.49
C SER A 4 1.66 7.41 -2.98
N GLY A 5 2.71 6.77 -2.46
CA GLY A 5 2.95 6.77 -1.03
C GLY A 5 1.80 6.17 -0.25
N CYS A 6 1.01 5.33 -0.92
CA CYS A 6 -0.13 4.69 -0.28
C CYS A 6 0.30 3.89 0.94
N ARG A 7 -0.66 3.31 1.64
CA ARG A 7 -0.37 2.51 2.83
C ARG A 7 -0.36 1.02 2.50
N LYS A 8 0.55 0.29 3.14
CA LYS A 8 0.66 -1.14 2.92
C LYS A 8 -0.42 -1.91 3.68
N LYS A 9 -0.77 -3.09 3.17
CA LYS A 9 -1.79 -3.92 3.81
C LYS A 9 -1.25 -5.31 4.10
N ARG A 10 -2.02 -6.09 4.86
CA ARG A 10 -1.62 -7.44 5.21
C ARG A 10 -1.32 -8.27 3.97
N HIS A 11 -2.20 -8.17 2.98
CA HIS A 11 -2.03 -8.92 1.73
C HIS A 11 -0.78 -8.46 1.00
N GLY A 12 -0.28 -7.27 1.36
CA GLY A 12 0.91 -6.75 0.72
C GLY A 12 0.59 -5.63 -0.26
N GLY A 13 -0.67 -5.54 -0.68
CA GLY A 13 -1.07 -4.52 -1.62
C GLY A 13 -0.98 -3.12 -1.02
N CYS A 14 -1.56 -2.15 -1.71
CA CYS A 14 -1.54 -0.77 -1.25
C CYS A 14 -2.95 -0.19 -1.17
N SER A 15 -3.31 0.34 -0.01
CA SER A 15 -4.63 0.92 0.19
C SER A 15 -4.66 2.38 -0.26
N CYS A 16 -5.34 2.62 -1.36
CA CYS A 16 -5.45 3.99 -1.90
C CYS A 16 -6.90 4.44 -1.91
N NH2 A 17 -7.11 5.70 -2.30
HN1 NH2 A 17 -8.04 6.08 -2.33
HN2 NH2 A 17 -6.35 6.26 -2.56
N TRP A 1 7.71 1.09 0.33
CA TRP A 1 7.10 2.15 -0.46
C TRP A 1 5.94 1.62 -1.30
N CYS A 2 4.81 2.33 -1.26
CA CYS A 2 3.64 1.93 -2.01
C CYS A 2 3.30 2.95 -3.09
N ALA A 3 2.37 2.60 -3.98
CA ALA A 3 1.97 3.48 -5.06
C ALA A 3 1.48 4.82 -4.52
N SER A 4 2.07 5.90 -5.03
CA SER A 4 1.71 7.24 -4.59
C SER A 4 1.82 7.38 -3.07
N GLY A 5 2.72 6.58 -2.49
CA GLY A 5 2.91 6.63 -1.05
C GLY A 5 1.68 6.15 -0.28
N CYS A 6 1.01 5.14 -0.83
CA CYS A 6 -0.18 4.59 -0.19
C CYS A 6 0.19 3.80 1.05
N ARG A 7 -0.83 3.30 1.75
CA ARG A 7 -0.62 2.53 2.97
C ARG A 7 -0.53 1.04 2.65
N LYS A 8 0.45 0.37 3.26
CA LYS A 8 0.65 -1.06 3.05
C LYS A 8 -0.42 -1.87 3.76
N LYS A 9 -0.67 -3.08 3.27
CA LYS A 9 -1.67 -3.96 3.87
C LYS A 9 -1.09 -5.34 4.13
N ARG A 10 -1.77 -6.11 4.97
CA ARG A 10 -1.32 -7.46 5.29
C ARG A 10 -1.26 -8.34 4.05
N HIS A 11 -2.08 -8.01 3.06
CA HIS A 11 -2.12 -8.77 1.81
C HIS A 11 -0.91 -8.44 0.94
N GLY A 12 -0.27 -7.32 1.24
CA GLY A 12 0.89 -6.91 0.47
C GLY A 12 0.60 -5.76 -0.48
N GLY A 13 -0.69 -5.55 -0.75
CA GLY A 13 -1.09 -4.47 -1.65
C GLY A 13 -0.98 -3.11 -1.00
N CYS A 14 -1.54 -2.10 -1.66
CA CYS A 14 -1.50 -0.74 -1.14
C CYS A 14 -2.89 -0.11 -1.17
N SER A 15 -3.31 0.42 -0.02
CA SER A 15 -4.63 1.05 0.09
C SER A 15 -4.58 2.49 -0.39
N CYS A 16 -5.47 2.82 -1.32
CA CYS A 16 -5.54 4.17 -1.87
C CYS A 16 -6.97 4.68 -1.91
N NH2 A 17 -7.13 5.98 -2.10
HN1 NH2 A 17 -8.03 6.40 -2.14
HN2 NH2 A 17 -6.34 6.55 -2.21
N TRP A 1 7.21 0.33 0.69
CA TRP A 1 6.87 1.39 -0.25
C TRP A 1 5.63 1.01 -1.06
N CYS A 2 4.77 2.00 -1.32
CA CYS A 2 3.55 1.77 -2.08
C CYS A 2 3.33 2.89 -3.10
N ALA A 3 2.46 2.63 -4.07
CA ALA A 3 2.15 3.63 -5.10
C ALA A 3 1.54 4.88 -4.50
N SER A 4 1.96 6.04 -5.00
CA SER A 4 1.45 7.31 -4.51
C SER A 4 1.60 7.41 -2.99
N GLY A 5 2.65 6.79 -2.47
CA GLY A 5 2.89 6.81 -1.04
C GLY A 5 1.74 6.22 -0.25
N CYS A 6 0.93 5.41 -0.91
CA CYS A 6 -0.21 4.77 -0.26
C CYS A 6 0.23 3.98 0.96
N ARG A 7 -0.75 3.42 1.67
CA ARG A 7 -0.46 2.63 2.87
C ARG A 7 -0.34 1.15 2.53
N LYS A 8 0.44 0.43 3.33
CA LYS A 8 0.65 -0.99 3.12
C LYS A 8 -0.49 -1.81 3.73
N LYS A 9 -0.65 -3.04 3.26
CA LYS A 9 -1.70 -3.91 3.76
C LYS A 9 -1.16 -5.32 4.03
N ARG A 10 -1.85 -6.06 4.89
CA ARG A 10 -1.44 -7.41 5.24
C ARG A 10 -1.31 -8.28 3.98
N HIS A 11 -2.23 -8.09 3.04
CA HIS A 11 -2.22 -8.84 1.79
C HIS A 11 -0.98 -8.52 0.97
N GLY A 12 -0.34 -7.40 1.29
CA GLY A 12 0.87 -7.01 0.57
C GLY A 12 0.61 -5.87 -0.39
N GLY A 13 -0.66 -5.64 -0.72
CA GLY A 13 -1.01 -4.57 -1.64
C GLY A 13 -0.93 -3.20 -0.98
N CYS A 14 -1.47 -2.19 -1.66
CA CYS A 14 -1.46 -0.84 -1.14
C CYS A 14 -2.87 -0.26 -1.08
N SER A 15 -3.19 0.38 0.04
CA SER A 15 -4.52 0.97 0.23
C SER A 15 -4.54 2.41 -0.26
N CYS A 16 -5.54 2.74 -1.06
CA CYS A 16 -5.69 4.10 -1.60
C CYS A 16 -7.14 4.56 -1.52
N NH2 A 17 -7.33 5.84 -1.25
HN1 NH2 A 17 -8.25 6.23 -1.19
HN2 NH2 A 17 -6.55 6.42 -1.11
N TRP A 1 6.52 0.55 1.34
CA TRP A 1 6.35 1.60 0.34
C TRP A 1 5.29 1.20 -0.69
N CYS A 2 4.45 2.14 -1.06
CA CYS A 2 3.38 1.90 -2.04
C CYS A 2 3.26 3.06 -3.01
N ALA A 3 2.60 2.81 -4.14
CA ALA A 3 2.40 3.85 -5.15
C ALA A 3 1.76 5.09 -4.55
N SER A 4 2.19 6.25 -5.02
CA SER A 4 1.67 7.52 -4.52
C SER A 4 1.77 7.60 -3.00
N GLY A 5 2.82 6.99 -2.46
CA GLY A 5 3.02 7.00 -1.03
C GLY A 5 1.88 6.35 -0.27
N CYS A 6 1.09 5.54 -0.98
CA CYS A 6 -0.04 4.86 -0.37
C CYS A 6 0.39 4.03 0.84
N ARG A 7 -0.57 3.41 1.51
CA ARG A 7 -0.28 2.60 2.68
C ARG A 7 -0.27 1.11 2.31
N LYS A 8 0.53 0.33 3.02
CA LYS A 8 0.63 -1.10 2.78
C LYS A 8 -0.49 -1.86 3.50
N LYS A 9 -0.69 -3.11 3.12
CA LYS A 9 -1.72 -3.94 3.72
C LYS A 9 -1.18 -5.33 4.05
N ARG A 10 -1.88 -6.04 4.93
CA ARG A 10 -1.46 -7.39 5.32
C ARG A 10 -1.33 -8.30 4.11
N HIS A 11 -2.21 -8.10 3.13
CA HIS A 11 -2.19 -8.90 1.91
C HIS A 11 -0.95 -8.60 1.07
N GLY A 12 -0.32 -7.47 1.36
CA GLY A 12 0.87 -7.08 0.63
C GLY A 12 0.61 -5.96 -0.36
N GLY A 13 -0.66 -5.75 -0.69
CA GLY A 13 -1.02 -4.72 -1.63
C GLY A 13 -1.03 -3.33 -1.01
N CYS A 14 -1.58 -2.36 -1.72
CA CYS A 14 -1.65 -0.99 -1.22
C CYS A 14 -3.09 -0.56 -1.00
N SER A 15 -3.30 0.35 -0.05
CA SER A 15 -4.64 0.84 0.26
C SER A 15 -4.77 2.32 -0.10
N CYS A 16 -5.16 2.58 -1.33
CA CYS A 16 -5.33 3.96 -1.80
C CYS A 16 -6.79 4.38 -1.72
N NH2 A 17 -7.04 5.65 -2.05
HN1 NH2 A 17 -7.97 6.01 -2.03
HN2 NH2 A 17 -6.31 6.24 -2.33
N TRP A 1 6.61 0.72 1.30
CA TRP A 1 6.36 1.78 0.34
C TRP A 1 5.33 1.35 -0.70
N CYS A 2 4.42 2.26 -1.05
CA CYS A 2 3.39 1.97 -2.04
C CYS A 2 3.22 3.13 -3.01
N ALA A 3 2.59 2.85 -4.15
CA ALA A 3 2.35 3.87 -5.16
C ALA A 3 1.71 5.11 -4.55
N SER A 4 2.14 6.29 -5.01
CA SER A 4 1.60 7.55 -4.52
C SER A 4 1.72 7.63 -3.00
N GLY A 5 2.78 7.02 -2.46
CA GLY A 5 2.99 7.03 -1.03
C GLY A 5 1.87 6.37 -0.27
N CYS A 6 1.09 5.55 -0.96
CA CYS A 6 -0.03 4.85 -0.35
C CYS A 6 0.44 4.02 0.85
N ARG A 7 -0.52 3.38 1.53
CA ARG A 7 -0.20 2.56 2.69
C ARG A 7 -0.24 1.08 2.33
N LYS A 8 0.61 0.30 3.00
CA LYS A 8 0.67 -1.14 2.75
C LYS A 8 -0.46 -1.87 3.47
N LYS A 9 -0.67 -3.13 3.10
CA LYS A 9 -1.71 -3.95 3.71
C LYS A 9 -1.19 -5.33 4.05
N ARG A 10 -1.90 -6.02 4.93
CA ARG A 10 -1.51 -7.38 5.34
C ARG A 10 -1.41 -8.30 4.13
N HIS A 11 -2.26 -8.07 3.14
CA HIS A 11 -2.26 -8.88 1.93
C HIS A 11 -1.01 -8.61 1.09
N GLY A 12 -0.34 -7.49 1.38
CA GLY A 12 0.86 -7.15 0.64
C GLY A 12 0.63 -6.02 -0.35
N GLY A 13 -0.63 -5.79 -0.69
CA GLY A 13 -0.97 -4.74 -1.63
C GLY A 13 -0.99 -3.36 -0.99
N CYS A 14 -1.52 -2.39 -1.71
CA CYS A 14 -1.59 -1.02 -1.21
C CYS A 14 -3.04 -0.59 -1.01
N SER A 15 -3.24 0.37 -0.10
CA SER A 15 -4.58 0.87 0.20
C SER A 15 -4.71 2.33 -0.17
N CYS A 16 -5.22 2.59 -1.37
CA CYS A 16 -5.40 3.96 -1.85
C CYS A 16 -6.86 4.36 -1.81
N NH2 A 17 -7.12 5.67 -1.81
HN1 NH2 A 17 -8.06 6.02 -1.78
HN2 NH2 A 17 -6.37 6.30 -1.83
N TRP A 1 6.92 1.45 1.65
CA TRP A 1 6.64 2.41 0.59
C TRP A 1 5.70 1.80 -0.45
N CYS A 2 4.79 2.61 -0.98
CA CYS A 2 3.84 2.16 -1.98
C CYS A 2 3.53 3.26 -2.98
N ALA A 3 2.90 2.88 -4.09
CA ALA A 3 2.55 3.84 -5.13
C ALA A 3 1.72 5.00 -4.55
N SER A 4 1.99 6.20 -5.03
CA SER A 4 1.28 7.39 -4.55
C SER A 4 1.33 7.48 -3.03
N GLY A 5 2.44 7.02 -2.45
CA GLY A 5 2.60 7.06 -1.01
C GLY A 5 1.51 6.29 -0.29
N CYS A 6 0.91 5.32 -0.99
CA CYS A 6 -0.15 4.52 -0.40
C CYS A 6 0.32 3.84 0.89
N ARG A 7 -0.58 3.12 1.54
CA ARG A 7 -0.26 2.43 2.78
C ARG A 7 -0.34 0.92 2.60
N LYS A 8 0.79 0.24 2.76
CA LYS A 8 0.84 -1.21 2.61
C LYS A 8 -0.21 -1.89 3.49
N LYS A 9 -0.60 -3.09 3.10
CA LYS A 9 -1.60 -3.85 3.84
C LYS A 9 -1.09 -5.25 4.17
N ARG A 10 -1.86 -5.99 4.97
CA ARG A 10 -1.49 -7.34 5.35
C ARG A 10 -1.46 -8.26 4.14
N HIS A 11 -2.36 -8.01 3.19
CA HIS A 11 -2.43 -8.82 1.98
C HIS A 11 -1.22 -8.57 1.08
N GLY A 12 -0.53 -7.47 1.34
CA GLY A 12 0.65 -7.13 0.55
C GLY A 12 0.38 -6.01 -0.44
N GLY A 13 -0.89 -5.74 -0.70
CA GLY A 13 -1.25 -4.69 -1.62
C GLY A 13 -1.00 -3.30 -1.06
N CYS A 14 -1.52 -2.29 -1.72
CA CYS A 14 -1.36 -0.91 -1.29
C CYS A 14 -2.70 -0.19 -1.17
N SER A 15 -3.08 0.13 0.06
CA SER A 15 -4.35 0.81 0.31
C SER A 15 -4.31 2.25 -0.20
N CYS A 16 -5.31 2.61 -1.00
CA CYS A 16 -5.38 3.96 -1.55
C CYS A 16 -6.79 4.54 -1.38
N NH2 A 17 -6.87 5.87 -1.39
HN1 NH2 A 17 -7.75 6.34 -1.29
HN2 NH2 A 17 -6.06 6.40 -1.51
N TRP A 1 7.08 1.15 1.61
CA TRP A 1 6.80 2.11 0.56
C TRP A 1 5.78 1.56 -0.43
N CYS A 2 4.92 2.43 -0.92
CA CYS A 2 3.87 2.03 -1.86
C CYS A 2 3.65 3.11 -2.91
N ALA A 3 2.89 2.78 -3.95
CA ALA A 3 2.58 3.73 -5.01
C ALA A 3 1.77 4.91 -4.49
N SER A 4 2.08 6.10 -4.98
CA SER A 4 1.37 7.31 -4.56
C SER A 4 1.39 7.43 -3.04
N GLY A 5 2.46 6.95 -2.41
CA GLY A 5 2.56 7.01 -0.97
C GLY A 5 1.44 6.28 -0.26
N CYS A 6 0.85 5.31 -0.95
CA CYS A 6 -0.25 4.53 -0.39
C CYS A 6 0.16 3.89 0.93
N ARG A 7 -0.78 3.20 1.57
CA ARG A 7 -0.52 2.53 2.84
C ARG A 7 -0.47 1.02 2.65
N LYS A 8 0.70 0.44 2.88
CA LYS A 8 0.88 -1.00 2.75
C LYS A 8 -0.18 -1.76 3.54
N LYS A 9 -0.51 -2.97 3.08
CA LYS A 9 -1.51 -3.80 3.75
C LYS A 9 -0.97 -5.20 3.99
N ARG A 10 -1.51 -5.86 5.01
CA ARG A 10 -1.08 -7.22 5.35
C ARG A 10 -1.27 -8.16 4.16
N HIS A 11 -2.21 -7.82 3.28
CA HIS A 11 -2.48 -8.63 2.11
C HIS A 11 -1.36 -8.52 1.09
N GLY A 12 -0.52 -7.49 1.24
CA GLY A 12 0.59 -7.30 0.34
C GLY A 12 0.35 -6.16 -0.64
N GLY A 13 -0.91 -5.75 -0.77
CA GLY A 13 -1.25 -4.67 -1.69
C GLY A 13 -1.01 -3.31 -1.08
N CYS A 14 -1.52 -2.28 -1.73
CA CYS A 14 -1.37 -0.91 -1.25
C CYS A 14 -2.72 -0.22 -1.13
N SER A 15 -3.09 0.13 0.10
CA SER A 15 -4.36 0.80 0.35
C SER A 15 -4.38 2.19 -0.26
N CYS A 16 -5.34 2.42 -1.15
CA CYS A 16 -5.47 3.72 -1.81
C CYS A 16 -6.92 4.22 -1.76
N NH2 A 17 -7.10 5.51 -2.01
HN1 NH2 A 17 -8.01 5.92 -2.00
HN2 NH2 A 17 -6.33 6.07 -2.20
N TRP A 1 7.07 0.91 1.09
CA TRP A 1 6.65 2.02 0.25
C TRP A 1 5.64 1.56 -0.80
N CYS A 2 4.54 2.29 -0.92
CA CYS A 2 3.49 1.96 -1.87
C CYS A 2 3.31 3.08 -2.90
N ALA A 3 2.67 2.76 -4.02
CA ALA A 3 2.43 3.74 -5.06
C ALA A 3 1.72 4.97 -4.51
N SER A 4 2.08 6.14 -5.02
CA SER A 4 1.48 7.40 -4.58
C SER A 4 1.56 7.52 -3.06
N GLY A 5 2.63 6.99 -2.48
CA GLY A 5 2.81 7.04 -1.04
C GLY A 5 1.69 6.36 -0.29
N CYS A 6 0.96 5.49 -0.97
CA CYS A 6 -0.15 4.76 -0.36
C CYS A 6 0.33 3.99 0.86
N ARG A 7 -0.62 3.34 1.54
CA ARG A 7 -0.31 2.56 2.74
C ARG A 7 -0.23 1.07 2.41
N LYS A 8 0.60 0.36 3.16
CA LYS A 8 0.76 -1.09 2.96
C LYS A 8 -0.33 -1.86 3.69
N LYS A 9 -0.64 -3.06 3.18
CA LYS A 9 -1.66 -3.90 3.78
C LYS A 9 -1.11 -5.30 4.07
N ARG A 10 -1.73 -5.99 5.01
CA ARG A 10 -1.30 -7.34 5.38
C ARG A 10 -1.38 -8.27 4.17
N HIS A 11 -2.18 -7.90 3.18
CA HIS A 11 -2.35 -8.70 1.98
C HIS A 11 -1.16 -8.52 1.04
N GLY A 12 -0.39 -7.46 1.25
CA GLY A 12 0.76 -7.19 0.43
C GLY A 12 0.52 -6.06 -0.56
N GLY A 13 -0.75 -5.73 -0.77
CA GLY A 13 -1.09 -4.66 -1.70
C GLY A 13 -0.98 -3.29 -1.07
N CYS A 14 -1.50 -2.28 -1.75
CA CYS A 14 -1.46 -0.92 -1.25
C CYS A 14 -2.86 -0.33 -1.13
N SER A 15 -3.20 0.15 0.06
CA SER A 15 -4.52 0.73 0.31
C SER A 15 -4.58 2.16 -0.21
N CYS A 16 -5.35 2.37 -1.28
CA CYS A 16 -5.50 3.69 -1.88
C CYS A 16 -6.98 4.10 -1.92
N NH2 A 17 -7.22 5.40 -1.82
HN1 NH2 A 17 -8.16 5.76 -1.84
HN2 NH2 A 17 -6.48 6.02 -1.72
N TRP A 1 7.09 0.31 0.60
CA TRP A 1 6.77 1.43 -0.28
C TRP A 1 5.59 1.08 -1.18
N CYS A 2 4.64 2.01 -1.29
CA CYS A 2 3.46 1.80 -2.12
C CYS A 2 3.33 2.91 -3.15
N ALA A 3 2.41 2.74 -4.10
CA ALA A 3 2.18 3.72 -5.14
C ALA A 3 1.68 5.04 -4.54
N SER A 4 2.23 6.15 -5.05
CA SER A 4 1.85 7.47 -4.56
C SER A 4 1.97 7.56 -3.05
N GLY A 5 2.91 6.79 -2.49
CA GLY A 5 3.12 6.79 -1.05
C GLY A 5 1.90 6.30 -0.29
N CYS A 6 1.18 5.35 -0.88
CA CYS A 6 -0.01 4.80 -0.25
C CYS A 6 0.37 3.93 0.95
N ARG A 7 -0.64 3.42 1.65
CA ARG A 7 -0.42 2.59 2.82
C ARG A 7 -0.43 1.12 2.44
N LYS A 8 0.47 0.34 3.04
CA LYS A 8 0.57 -1.08 2.76
C LYS A 8 -0.57 -1.84 3.43
N LYS A 9 -0.72 -3.11 3.07
CA LYS A 9 -1.77 -3.95 3.63
C LYS A 9 -1.23 -5.33 4.00
N ARG A 10 -1.98 -6.06 4.81
CA ARG A 10 -1.57 -7.39 5.24
C ARG A 10 -1.31 -8.29 4.03
N HIS A 11 -2.13 -8.13 3.00
CA HIS A 11 -1.98 -8.94 1.78
C HIS A 11 -0.73 -8.53 1.01
N GLY A 12 -0.18 -7.37 1.36
CA GLY A 12 1.00 -6.89 0.68
C GLY A 12 0.71 -5.76 -0.29
N GLY A 13 -0.57 -5.62 -0.67
CA GLY A 13 -0.96 -4.57 -1.59
C GLY A 13 -1.02 -3.22 -0.94
N CYS A 14 -1.61 -2.25 -1.63
CA CYS A 14 -1.72 -0.89 -1.11
C CYS A 14 -3.19 -0.50 -0.95
N SER A 15 -3.46 0.37 0.02
CA SER A 15 -4.82 0.83 0.28
C SER A 15 -4.96 2.32 0.00
N CYS A 16 -5.17 2.66 -1.26
CA CYS A 16 -5.33 4.05 -1.67
C CYS A 16 -6.78 4.50 -1.55
N NH2 A 17 -7.02 5.78 -1.77
HN1 NH2 A 17 -7.94 6.17 -1.72
HN2 NH2 A 17 -6.27 6.38 -1.99
N TRP A 1 6.87 1.45 1.65
CA TRP A 1 6.41 2.48 0.73
C TRP A 1 5.57 1.89 -0.38
N CYS A 2 4.43 2.52 -0.66
CA CYS A 2 3.53 2.03 -1.71
C CYS A 2 3.36 3.11 -2.79
N ALA A 3 2.72 2.72 -3.89
CA ALA A 3 2.48 3.63 -5.00
C ALA A 3 1.75 4.89 -4.53
N SER A 4 2.15 6.04 -5.06
CA SER A 4 1.54 7.30 -4.69
C SER A 4 1.57 7.51 -3.17
N GLY A 5 2.61 6.95 -2.54
CA GLY A 5 2.74 7.09 -1.09
C GLY A 5 1.61 6.41 -0.34
N CYS A 6 0.91 5.50 -1.01
CA CYS A 6 -0.21 4.80 -0.40
C CYS A 6 0.26 4.03 0.84
N ARG A 7 -0.69 3.39 1.52
CA ARG A 7 -0.40 2.63 2.73
C ARG A 7 -0.22 1.15 2.40
N LYS A 8 0.48 0.44 3.29
CA LYS A 8 0.72 -0.98 3.09
C LYS A 8 -0.42 -1.81 3.69
N LYS A 9 -0.53 -3.07 3.26
CA LYS A 9 -1.57 -3.96 3.74
C LYS A 9 -1.00 -5.34 4.04
N ARG A 10 -1.67 -6.07 4.93
CA ARG A 10 -1.24 -7.41 5.31
C ARG A 10 -1.29 -8.37 4.11
N HIS A 11 -2.17 -8.05 3.16
CA HIS A 11 -2.31 -8.88 1.96
C HIS A 11 -1.16 -8.65 0.99
N GLY A 12 -0.42 -7.57 1.21
CA GLY A 12 0.71 -7.26 0.35
C GLY A 12 0.40 -6.10 -0.59
N GLY A 13 -0.87 -5.79 -0.76
CA GLY A 13 -1.27 -4.71 -1.64
C GLY A 13 -1.06 -3.34 -1.02
N CYS A 14 -1.61 -2.32 -1.65
CA CYS A 14 -1.49 -0.95 -1.15
C CYS A 14 -2.85 -0.28 -1.04
N SER A 15 -3.15 0.24 0.15
CA SER A 15 -4.43 0.90 0.39
C SER A 15 -4.39 2.34 -0.12
N CYS A 16 -5.27 2.66 -1.06
CA CYS A 16 -5.35 4.00 -1.62
C CYS A 16 -6.71 4.63 -1.37
N NH2 A 17 -6.93 5.81 -1.93
HN1 NH2 A 17 -7.79 6.30 -1.81
HN2 NH2 A 17 -6.22 6.23 -2.46
#